data_2M5U
#
_entry.id   2M5U
#
_entity_poly.entity_id   1
_entity_poly.type   'polyribonucleotide'
_entity_poly.pdbx_seq_one_letter_code
;GGCAGAUUCUGGUGAAUCUGCC
;
_entity_poly.pdbx_strand_id   A
#